data_9KC2
#
_entry.id   9KC2
#
_cell.length_a   1.00
_cell.length_b   1.00
_cell.length_c   1.00
_cell.angle_alpha   90.00
_cell.angle_beta   90.00
_cell.angle_gamma   90.00
#
_symmetry.space_group_name_H-M   'P 1'
#
loop_
_entity.id
_entity.type
_entity.pdbx_description
1 polymer Alpha-synuclein
2 non-polymer 2-[(4~{E})-4-[(~{E})-3-(3-methyl-1,3-benzothiazol-2-yl)prop-2-enylidene]quinolin-1-yl]ethanol
#
_entity_poly.entity_id   1
_entity_poly.type   'polypeptide(L)'
_entity_poly.pdbx_seq_one_letter_code
;MDVFMKGLSKAKEGVVAAAEKTKQGVAEAAGKTKEGVLYVGSKTKEGVVHGVATVAEKTKEQVTNVGGAVVTGVTAVAQK
TVEGAGSIAAATGFVKKDQLGKNEEGAPQEGILEDMPVDPDNEAYEMPSEEGYQDYEPEA
;
_entity_poly.pdbx_strand_id   F,C,D,H,E,G
#
loop_
_chem_comp.id
_chem_comp.type
_chem_comp.name
_chem_comp.formula
A1EFK non-polymer 2-[(4~{E})-4-[(~{E})-3-(3-methyl-1,3-benzothiazol-2-yl)prop-2-enylidene]quinolin-1-yl]ethanol 'C22 H21 N2 O S'
#
# COMPACT_ATOMS: atom_id res chain seq x y z
N LEU A 38 -37.09 16.09 5.20
CA LEU A 38 -36.00 16.32 6.13
C LEU A 38 -34.97 15.20 6.02
N TYR A 39 -34.04 15.34 5.07
CA TYR A 39 -33.01 14.33 4.85
C TYR A 39 -31.76 14.69 5.67
N VAL A 40 -31.99 14.85 6.97
CA VAL A 40 -30.91 15.26 7.87
C VAL A 40 -29.79 14.24 7.90
N GLY A 41 -30.05 13.01 7.47
CA GLY A 41 -28.99 12.02 7.35
C GLY A 41 -27.88 12.50 6.43
N SER A 42 -26.74 12.87 7.03
CA SER A 42 -25.70 13.56 6.29
C SER A 42 -24.78 12.61 5.55
N LYS A 43 -24.08 11.74 6.29
CA LYS A 43 -22.87 11.08 5.79
C LYS A 43 -23.26 10.00 4.78
N THR A 44 -23.53 10.44 3.57
CA THR A 44 -23.88 9.57 2.45
C THR A 44 -22.63 9.37 1.58
N LYS A 45 -22.11 8.15 1.55
CA LYS A 45 -20.98 7.79 0.71
C LYS A 45 -21.46 6.83 -0.37
N GLU A 46 -21.42 7.26 -1.62
CA GLU A 46 -21.93 6.47 -2.73
C GLU A 46 -20.91 6.54 -3.87
N GLY A 47 -20.30 5.39 -4.20
CA GLY A 47 -19.28 5.35 -5.21
C GLY A 47 -17.99 6.00 -4.73
N VAL A 48 -17.45 5.51 -3.62
CA VAL A 48 -16.27 6.10 -3.00
C VAL A 48 -15.20 5.03 -2.88
N VAL A 49 -13.94 5.43 -3.11
CA VAL A 49 -12.78 4.57 -2.90
C VAL A 49 -11.78 5.37 -2.09
N HIS A 50 -11.42 4.86 -0.91
CA HIS A 50 -10.47 5.59 -0.08
C HIS A 50 -9.64 4.63 0.75
N GLY A 51 -8.39 5.02 1.01
CA GLY A 51 -7.49 4.20 1.79
C GLY A 51 -6.97 3.00 1.04
N VAL A 52 -6.26 3.22 -0.07
CA VAL A 52 -5.73 2.16 -0.90
C VAL A 52 -4.22 2.29 -0.98
N ALA A 53 -3.53 1.16 -0.86
CA ALA A 53 -2.07 1.11 -1.02
C ALA A 53 -1.74 -0.05 -1.94
N THR A 54 -0.92 0.21 -2.96
CA THR A 54 -0.61 -0.77 -3.98
C THR A 54 0.87 -0.69 -4.35
N VAL A 55 1.48 -1.84 -4.56
CA VAL A 55 2.88 -1.95 -4.98
C VAL A 55 2.96 -2.98 -6.10
N ALA A 56 3.69 -2.64 -7.15
CA ALA A 56 3.87 -3.55 -8.29
C ALA A 56 5.33 -3.54 -8.71
N GLU A 57 5.93 -4.72 -8.81
CA GLU A 57 7.34 -4.87 -9.20
C GLU A 57 7.40 -5.92 -10.31
N LYS A 58 7.57 -5.47 -11.55
CA LYS A 58 7.58 -6.34 -12.70
C LYS A 58 8.87 -6.11 -13.48
N THR A 59 9.73 -7.13 -13.53
CA THR A 59 11.01 -6.99 -14.23
C THR A 59 10.80 -6.77 -15.73
N LYS A 60 9.75 -7.35 -16.31
CA LYS A 60 9.47 -7.14 -17.72
C LYS A 60 7.99 -7.35 -17.96
N GLU A 61 7.31 -6.31 -18.45
CA GLU A 61 5.91 -6.39 -18.83
C GLU A 61 5.81 -6.07 -20.31
N GLN A 62 5.26 -7.00 -21.10
CA GLN A 62 5.15 -6.85 -22.54
C GLN A 62 3.73 -7.14 -22.97
N VAL A 63 3.19 -6.28 -23.83
CA VAL A 63 1.84 -6.44 -24.36
C VAL A 63 1.92 -6.31 -25.88
N THR A 64 1.41 -7.33 -26.58
CA THR A 64 1.33 -7.32 -28.04
C THR A 64 -0.13 -7.43 -28.44
N ASN A 65 -0.61 -6.48 -29.22
CA ASN A 65 -2.00 -6.40 -29.63
C ASN A 65 -2.07 -6.25 -31.14
N VAL A 66 -2.82 -7.14 -31.79
CA VAL A 66 -3.03 -7.09 -33.23
C VAL A 66 -4.54 -7.14 -33.47
N GLY A 67 -5.16 -5.97 -33.58
CA GLY A 67 -6.58 -5.90 -33.90
C GLY A 67 -7.51 -6.31 -32.79
N GLY A 68 -7.18 -5.96 -31.55
CA GLY A 68 -8.04 -6.30 -30.42
C GLY A 68 -8.10 -5.21 -29.38
N ALA A 69 -8.36 -5.59 -28.13
CA ALA A 69 -8.45 -4.63 -27.04
C ALA A 69 -7.81 -5.21 -25.80
N VAL A 70 -6.90 -4.46 -25.19
CA VAL A 70 -6.21 -4.87 -23.98
C VAL A 70 -6.38 -3.76 -22.94
N VAL A 71 -6.82 -4.14 -21.74
CA VAL A 71 -6.97 -3.21 -20.63
C VAL A 71 -6.17 -3.75 -19.46
N THR A 72 -5.15 -3.00 -19.03
CA THR A 72 -4.22 -3.45 -18.00
C THR A 72 -4.09 -2.37 -16.92
N GLY A 73 -4.07 -2.81 -15.67
CA GLY A 73 -3.76 -1.94 -14.56
C GLY A 73 -4.73 -0.81 -14.31
N VAL A 74 -5.94 -1.14 -13.89
CA VAL A 74 -6.95 -0.16 -13.49
C VAL A 74 -7.09 -0.25 -11.98
N THR A 75 -6.76 0.83 -11.28
CA THR A 75 -6.71 0.82 -9.81
C THR A 75 -7.39 2.06 -9.26
N ALA A 76 -8.17 1.88 -8.20
CA ALA A 76 -8.77 2.96 -7.42
C ALA A 76 -9.62 3.87 -8.30
N VAL A 77 -10.68 3.28 -8.87
CA VAL A 77 -11.61 4.00 -9.73
C VAL A 77 -12.97 3.99 -9.08
N ALA A 78 -13.52 5.18 -8.86
CA ALA A 78 -14.87 5.34 -8.33
C ALA A 78 -15.75 6.01 -9.36
N GLN A 79 -17.02 5.61 -9.38
CA GLN A 79 -17.96 6.13 -10.36
C GLN A 79 -19.34 6.20 -9.74
N LYS A 80 -20.09 7.25 -10.07
CA LYS A 80 -21.45 7.43 -9.60
C LYS A 80 -22.25 8.03 -10.75
N THR A 81 -23.15 7.24 -11.32
CA THR A 81 -23.93 7.63 -12.47
C THR A 81 -25.41 7.68 -12.10
N VAL A 82 -26.05 8.82 -12.34
CA VAL A 82 -27.47 9.02 -12.06
C VAL A 82 -28.21 9.01 -13.39
N GLU A 83 -29.12 8.05 -13.55
CA GLU A 83 -29.95 7.93 -14.75
C GLU A 83 -29.09 7.75 -16.01
N GLY A 84 -28.20 6.79 -15.96
CA GLY A 84 -27.36 6.47 -17.10
C GLY A 84 -26.57 5.20 -16.83
N ALA A 85 -25.95 4.69 -17.88
CA ALA A 85 -25.12 3.50 -17.75
C ALA A 85 -23.76 3.86 -17.17
N GLY A 86 -23.03 2.83 -16.76
CA GLY A 86 -21.68 3.02 -16.26
C GLY A 86 -20.79 1.84 -16.58
N SER A 87 -19.67 2.10 -17.24
CA SER A 87 -18.75 1.07 -17.67
C SER A 87 -17.34 1.41 -17.21
N ILE A 88 -16.65 0.42 -16.65
CA ILE A 88 -15.28 0.59 -16.16
C ILE A 88 -14.46 -0.59 -16.67
N ALA A 89 -13.38 -0.29 -17.40
CA ALA A 89 -12.44 -1.29 -17.89
C ALA A 89 -13.13 -2.34 -18.77
N ALA A 90 -13.79 -1.85 -19.82
CA ALA A 90 -14.45 -2.71 -20.79
C ALA A 90 -13.58 -2.85 -22.03
N ALA A 91 -13.36 -4.09 -22.46
CA ALA A 91 -12.54 -4.39 -23.61
C ALA A 91 -13.36 -5.17 -24.62
N THR A 92 -13.49 -4.61 -25.83
CA THR A 92 -14.19 -5.27 -26.93
C THR A 92 -13.23 -5.44 -28.09
N GLY A 93 -13.11 -6.67 -28.58
CA GLY A 93 -12.21 -6.96 -29.68
C GLY A 93 -12.55 -6.19 -30.94
N PHE A 94 -13.72 -6.45 -31.52
CA PHE A 94 -14.21 -5.65 -32.63
C PHE A 94 -15.67 -5.98 -32.87
N VAL A 95 -16.41 -4.99 -33.36
CA VAL A 95 -17.83 -5.15 -33.69
C VAL A 95 -17.97 -4.91 -35.18
N LYS A 96 -18.29 -5.97 -35.92
CA LYS A 96 -18.41 -5.85 -37.37
C LYS A 96 -19.72 -5.19 -37.75
N LYS A 97 -20.84 -5.86 -37.45
CA LYS A 97 -22.19 -5.30 -37.62
C LYS A 97 -22.39 -4.65 -38.99
N ASP A 98 -22.13 -5.42 -40.04
CA ASP A 98 -22.35 -4.94 -41.40
C ASP A 98 -23.33 -5.82 -42.16
N LEU B 38 -38.41 11.84 7.07
CA LEU B 38 -37.31 12.06 8.00
C LEU B 38 -36.29 10.93 7.88
N TYR B 39 -35.37 11.08 6.92
CA TYR B 39 -34.34 10.07 6.67
C TYR B 39 -33.09 10.41 7.48
N VAL B 40 -33.29 10.58 8.79
CA VAL B 40 -32.22 10.98 9.68
C VAL B 40 -31.09 9.95 9.69
N GLY B 41 -31.36 8.72 9.26
CA GLY B 41 -30.31 7.73 9.13
C GLY B 41 -29.20 8.21 8.20
N SER B 42 -28.06 8.57 8.78
CA SER B 42 -27.03 9.26 8.04
C SER B 42 -26.11 8.30 7.28
N LYS B 43 -25.41 7.44 8.01
CA LYS B 43 -24.21 6.78 7.50
C LYS B 43 -24.62 5.69 6.49
N THR B 44 -24.89 6.15 5.27
CA THR B 44 -25.26 5.28 4.16
C THR B 44 -24.03 5.08 3.28
N LYS B 45 -23.51 3.86 3.23
CA LYS B 45 -22.39 3.50 2.38
C LYS B 45 -22.88 2.54 1.31
N GLU B 46 -22.85 2.97 0.05
CA GLU B 46 -23.37 2.19 -1.06
C GLU B 46 -22.38 2.25 -2.20
N GLY B 47 -21.78 1.12 -2.54
CA GLY B 47 -20.76 1.08 -3.56
C GLY B 47 -19.47 1.71 -3.10
N VAL B 48 -18.91 1.22 -2.01
CA VAL B 48 -17.73 1.80 -1.38
C VAL B 48 -16.66 0.73 -1.28
N VAL B 49 -15.41 1.12 -1.52
CA VAL B 49 -14.24 0.26 -1.33
C VAL B 49 -13.22 1.04 -0.53
N HIS B 50 -12.86 0.53 0.64
CA HIS B 50 -11.90 1.25 1.47
C HIS B 50 -11.06 0.29 2.29
N GLY B 51 -9.81 0.67 2.52
CA GLY B 51 -8.90 -0.15 3.30
C GLY B 51 -8.39 -1.36 2.54
N VAL B 52 -7.70 -1.12 1.43
CA VAL B 52 -7.19 -2.19 0.58
C VAL B 52 -5.67 -2.06 0.50
N ALA B 53 -4.97 -3.20 0.59
CA ALA B 53 -3.53 -3.25 0.42
C ALA B 53 -3.20 -4.41 -0.51
N THR B 54 -2.40 -4.15 -1.54
CA THR B 54 -2.10 -5.13 -2.56
C THR B 54 -0.63 -5.05 -2.95
N VAL B 55 -0.02 -6.22 -3.17
CA VAL B 55 1.37 -6.32 -3.61
C VAL B 55 1.43 -7.35 -4.73
N ALA B 56 2.16 -7.01 -5.80
CA ALA B 56 2.32 -7.91 -6.93
C ALA B 56 3.78 -7.90 -7.37
N GLU B 57 4.37 -9.08 -7.48
CA GLU B 57 5.76 -9.24 -7.89
C GLU B 57 5.81 -10.28 -8.99
N LYS B 58 5.97 -9.82 -10.23
CA LYS B 58 5.97 -10.70 -11.40
C LYS B 58 7.26 -10.47 -12.19
N THR B 59 8.11 -11.50 -12.25
CA THR B 59 9.38 -11.36 -12.97
C THR B 59 9.15 -11.12 -14.45
N LYS B 60 8.10 -11.70 -15.03
CA LYS B 60 7.80 -11.48 -16.44
C LYS B 60 6.31 -11.69 -16.66
N GLU B 61 5.63 -10.65 -17.14
CA GLU B 61 4.22 -10.73 -17.51
C GLU B 61 4.11 -10.39 -18.99
N GLN B 62 3.55 -11.31 -19.76
CA GLN B 62 3.43 -11.16 -21.20
C GLN B 62 2.01 -11.45 -21.63
N VAL B 63 1.46 -10.58 -22.47
CA VAL B 63 0.10 -10.73 -23.00
C VAL B 63 0.15 -10.60 -24.51
N THR B 64 -0.35 -11.61 -25.21
CA THR B 64 -0.45 -11.60 -26.66
C THR B 64 -1.92 -11.70 -27.06
N ASN B 65 -2.39 -10.74 -27.83
CA ASN B 65 -3.79 -10.66 -28.22
C ASN B 65 -3.88 -10.49 -29.73
N VAL B 66 -4.65 -11.37 -30.38
CA VAL B 66 -4.87 -11.33 -31.82
C VAL B 66 -6.38 -11.37 -32.03
N GLY B 67 -7.00 -10.20 -32.13
CA GLY B 67 -8.41 -10.12 -32.44
C GLY B 67 -9.35 -10.53 -31.32
N GLY B 68 -9.00 -10.19 -30.08
CA GLY B 68 -9.84 -10.53 -28.95
C GLY B 68 -9.89 -9.45 -27.89
N ALA B 69 -10.14 -9.82 -26.65
CA ALA B 69 -10.21 -8.87 -25.55
C ALA B 69 -9.56 -9.46 -24.32
N VAL B 70 -8.63 -8.71 -23.72
CA VAL B 70 -7.94 -9.12 -22.51
C VAL B 70 -8.09 -8.03 -21.47
N VAL B 71 -8.52 -8.40 -20.27
CA VAL B 71 -8.65 -7.48 -19.15
C VAL B 71 -7.84 -8.02 -17.99
N THR B 72 -6.81 -7.28 -17.57
CA THR B 72 -5.88 -7.74 -16.56
C THR B 72 -5.73 -6.67 -15.48
N GLY B 73 -5.70 -7.12 -14.22
CA GLY B 73 -5.37 -6.25 -13.12
C GLY B 73 -6.34 -5.11 -12.84
N VAL B 74 -7.55 -5.44 -12.41
CA VAL B 74 -8.54 -4.46 -12.00
C VAL B 74 -8.67 -4.55 -10.49
N THR B 75 -8.33 -3.48 -9.78
CA THR B 75 -8.27 -3.50 -8.33
C THR B 75 -8.93 -2.25 -7.76
N ALA B 76 -9.70 -2.44 -6.69
CA ALA B 76 -10.28 -1.36 -5.90
C ALA B 76 -11.14 -0.43 -6.77
N VAL B 77 -12.20 -1.02 -7.32
CA VAL B 77 -13.14 -0.29 -8.18
C VAL B 77 -14.50 -0.30 -7.51
N ALA B 78 -15.04 0.89 -7.28
CA ALA B 78 -16.38 1.05 -6.73
C ALA B 78 -17.28 1.74 -7.75
N GLN B 79 -18.55 1.34 -7.75
CA GLN B 79 -19.50 1.86 -8.72
C GLN B 79 -20.88 1.94 -8.09
N LYS B 80 -21.61 3.00 -8.41
CA LYS B 80 -22.97 3.18 -7.92
C LYS B 80 -23.78 3.78 -9.07
N THR B 81 -24.70 3.00 -9.62
CA THR B 81 -25.49 3.41 -10.77
C THR B 81 -26.95 3.45 -10.39
N VAL B 82 -27.59 4.60 -10.61
CA VAL B 82 -29.01 4.80 -10.31
C VAL B 82 -29.76 4.80 -11.64
N GLU B 83 -30.68 3.84 -11.80
CA GLU B 83 -31.53 3.73 -12.99
C GLU B 83 -30.68 3.56 -14.25
N GLY B 84 -29.79 2.58 -14.22
CA GLY B 84 -28.97 2.26 -15.37
C GLY B 84 -28.18 1.00 -15.10
N ALA B 85 -27.57 0.48 -16.16
CA ALA B 85 -26.75 -0.71 -16.05
C ALA B 85 -25.38 -0.36 -15.48
N GLY B 86 -24.65 -1.40 -15.08
CA GLY B 86 -23.30 -1.21 -14.59
C GLY B 86 -22.41 -2.39 -14.93
N SER B 87 -21.29 -2.13 -15.61
CA SER B 87 -20.38 -3.17 -16.04
C SER B 87 -18.97 -2.83 -15.60
N ILE B 88 -18.28 -3.82 -15.05
CA ILE B 88 -16.90 -3.66 -14.58
C ILE B 88 -16.09 -4.84 -15.11
N ALA B 89 -15.02 -4.55 -15.85
CA ALA B 89 -14.08 -5.55 -16.35
C ALA B 89 -14.80 -6.59 -17.22
N ALA B 90 -15.46 -6.10 -18.26
CA ALA B 90 -16.14 -6.95 -19.23
C ALA B 90 -15.28 -7.08 -20.48
N ALA B 91 -15.07 -8.33 -20.91
CA ALA B 91 -14.25 -8.63 -22.08
C ALA B 91 -15.09 -9.40 -23.08
N THR B 92 -15.24 -8.85 -24.29
CA THR B 92 -15.96 -9.48 -25.38
C THR B 92 -15.00 -9.66 -26.54
N GLY B 93 -14.89 -10.88 -27.04
CA GLY B 93 -14.01 -11.17 -28.16
C GLY B 93 -14.35 -10.39 -29.41
N PHE B 94 -15.53 -10.65 -29.97
CA PHE B 94 -16.04 -9.85 -31.09
C PHE B 94 -17.50 -10.17 -31.30
N VAL B 95 -18.24 -9.18 -31.78
CA VAL B 95 -19.65 -9.32 -32.09
C VAL B 95 -19.82 -9.08 -33.58
N LYS B 96 -20.15 -10.14 -34.33
CA LYS B 96 -20.29 -10.01 -35.78
C LYS B 96 -21.60 -9.35 -36.14
N LYS B 97 -22.72 -10.00 -35.84
CA LYS B 97 -24.07 -9.45 -35.98
C LYS B 97 -24.28 -8.79 -37.34
N ASP B 98 -24.03 -9.56 -38.40
CA ASP B 98 -24.27 -9.06 -39.76
C ASP B 98 -25.27 -9.94 -40.51
N LEU C 38 -35.76 20.34 3.32
CA LEU C 38 -34.67 20.57 4.27
C LEU C 38 -33.64 19.45 4.18
N TYR C 39 -32.69 19.59 3.24
CA TYR C 39 -31.66 18.59 3.02
C TYR C 39 -30.43 18.95 3.86
N VAL C 40 -30.66 19.13 5.17
CA VAL C 40 -29.60 19.55 6.07
C VAL C 40 -28.47 18.52 6.12
N GLY C 41 -28.72 17.29 5.68
CA GLY C 41 -27.66 16.31 5.58
C GLY C 41 -26.54 16.78 4.68
N SER C 42 -25.42 17.15 5.28
CA SER C 42 -24.36 17.85 4.55
C SER C 42 -23.42 16.89 3.82
N LYS C 43 -22.73 16.04 4.58
CA LYS C 43 -21.52 15.38 4.09
C LYS C 43 -21.89 14.29 3.09
N THR C 44 -22.15 14.74 1.86
CA THR C 44 -22.48 13.86 0.75
C THR C 44 -21.23 13.67 -0.10
N LYS C 45 -20.71 12.45 -0.13
CA LYS C 45 -19.56 12.08 -0.96
C LYS C 45 -20.03 11.11 -2.03
N GLU C 46 -19.97 11.54 -3.28
CA GLU C 46 -20.46 10.74 -4.40
C GLU C 46 -19.44 10.80 -5.53
N GLY C 47 -18.83 9.67 -5.85
CA GLY C 47 -17.79 9.63 -6.85
C GLY C 47 -16.51 10.28 -6.36
N VAL C 48 -15.98 9.80 -5.24
CA VAL C 48 -14.81 10.39 -4.60
C VAL C 48 -13.73 9.33 -4.47
N VAL C 49 -12.48 9.73 -4.68
CA VAL C 49 -11.32 8.88 -4.47
C VAL C 49 -10.31 9.68 -3.65
N HIS C 50 -9.97 9.18 -2.46
CA HIS C 50 -9.04 9.91 -1.63
C HIS C 50 -8.20 8.96 -0.78
N GLY C 51 -6.97 9.36 -0.51
CA GLY C 51 -6.07 8.55 0.27
C GLY C 51 -5.53 7.34 -0.46
N VAL C 52 -4.82 7.58 -1.56
CA VAL C 52 -4.27 6.51 -2.39
C VAL C 52 -2.76 6.64 -2.43
N ALA C 53 -2.06 5.52 -2.31
CA ALA C 53 -0.61 5.47 -2.46
C ALA C 53 -0.26 4.30 -3.37
N THR C 54 0.56 4.57 -4.38
CA THR C 54 0.89 3.57 -5.39
C THR C 54 2.37 3.67 -5.75
N VAL C 55 2.99 2.51 -5.95
CA VAL C 55 4.40 2.42 -6.35
C VAL C 55 4.49 1.38 -7.46
N ALA C 56 5.23 1.71 -8.52
CA ALA C 56 5.43 0.80 -9.64
C ALA C 56 6.89 0.82 -10.05
N GLU C 57 7.50 -0.35 -10.13
CA GLU C 57 8.90 -0.51 -10.52
C GLU C 57 8.98 -1.56 -11.61
N LYS C 58 9.17 -1.11 -12.85
CA LYS C 58 9.20 -1.99 -14.02
C LYS C 58 10.51 -1.75 -14.77
N THR C 59 11.36 -2.78 -14.80
CA THR C 59 12.64 -2.63 -15.50
C THR C 59 12.45 -2.41 -16.99
N LYS C 60 11.41 -3.01 -17.58
CA LYS C 60 11.14 -2.81 -19.01
C LYS C 60 9.67 -3.02 -19.26
N GLU C 61 8.98 -1.99 -19.76
CA GLU C 61 7.59 -2.08 -20.16
C GLU C 61 7.50 -1.76 -21.64
N GLN C 62 6.97 -2.69 -22.41
CA GLN C 62 6.88 -2.54 -23.86
C GLN C 62 5.46 -2.85 -24.32
N VAL C 63 4.92 -1.99 -25.18
CA VAL C 63 3.59 -2.15 -25.73
C VAL C 63 3.67 -2.03 -27.24
N THR C 64 3.19 -3.05 -27.95
CA THR C 64 3.12 -3.05 -29.41
C THR C 64 1.67 -3.17 -29.82
N ASN C 65 1.19 -2.21 -30.62
CA ASN C 65 -0.20 -2.15 -31.03
C ASN C 65 -0.26 -2.00 -32.55
N VAL C 66 -1.00 -2.90 -33.20
CA VAL C 66 -1.19 -2.86 -34.65
C VAL C 66 -2.69 -2.91 -34.89
N GLY C 67 -3.32 -1.74 -35.02
CA GLY C 67 -4.73 -1.68 -35.36
C GLY C 67 -5.68 -2.09 -34.25
N GLY C 68 -5.37 -1.74 -33.01
CA GLY C 68 -6.23 -2.08 -31.90
C GLY C 68 -6.31 -0.98 -30.86
N ALA C 69 -6.58 -1.36 -29.61
CA ALA C 69 -6.69 -0.39 -28.53
C ALA C 69 -6.06 -0.97 -27.27
N VAL C 70 -5.15 -0.21 -26.66
CA VAL C 70 -4.48 -0.61 -25.43
C VAL C 70 -4.66 0.50 -24.40
N VAL C 71 -5.11 0.13 -23.21
CA VAL C 71 -5.28 1.05 -22.10
C VAL C 71 -4.49 0.52 -20.91
N THR C 72 -3.48 1.27 -20.48
CA THR C 72 -2.57 0.85 -19.44
C THR C 72 -2.44 1.91 -18.37
N GLY C 73 -2.43 1.48 -17.11
CA GLY C 73 -2.14 2.36 -16.01
C GLY C 73 -3.12 3.49 -15.76
N VAL C 74 -4.33 3.15 -15.36
CA VAL C 74 -5.34 4.13 -14.97
C VAL C 74 -5.51 4.05 -13.46
N THR C 75 -5.18 5.12 -12.76
CA THR C 75 -5.16 5.12 -11.31
C THR C 75 -5.84 6.37 -10.76
N ALA C 76 -6.64 6.18 -9.70
CA ALA C 76 -7.24 7.27 -8.94
C ALA C 76 -8.10 8.17 -9.83
N VAL C 77 -9.14 7.58 -10.40
CA VAL C 77 -10.05 8.28 -11.29
C VAL C 77 -11.44 8.28 -10.64
N ALA C 78 -11.99 9.47 -10.43
CA ALA C 78 -13.34 9.62 -9.91
C ALA C 78 -14.22 10.29 -10.95
N GLN C 79 -15.49 9.88 -10.99
CA GLN C 79 -16.42 10.39 -11.98
C GLN C 79 -17.81 10.45 -11.38
N LYS C 80 -18.54 11.51 -11.73
CA LYS C 80 -19.92 11.67 -11.27
C LYS C 80 -20.71 12.28 -12.43
N THR C 81 -21.60 11.47 -13.00
CA THR C 81 -22.38 11.87 -14.18
C THR C 81 -23.86 11.91 -13.82
N VAL C 82 -24.49 13.05 -14.07
CA VAL C 82 -25.92 13.23 -13.80
C VAL C 82 -26.64 13.23 -15.14
N GLU C 83 -27.54 12.26 -15.31
CA GLU C 83 -28.37 12.13 -16.52
C GLU C 83 -27.49 11.96 -17.76
N GLY C 84 -26.59 10.98 -17.70
CA GLY C 84 -25.74 10.66 -18.83
C GLY C 84 -24.95 9.40 -18.54
N ALA C 85 -24.31 8.90 -19.59
CA ALA C 85 -23.49 7.71 -19.45
C ALA C 85 -22.13 8.07 -18.84
N GLY C 86 -21.41 7.05 -18.43
CA GLY C 86 -20.07 7.24 -17.90
C GLY C 86 -19.16 6.07 -18.22
N SER C 87 -18.04 6.34 -18.87
CA SER C 87 -17.11 5.29 -19.28
C SER C 87 -15.71 5.65 -18.81
N ILE C 88 -15.01 4.67 -18.23
CA ILE C 88 -13.65 4.84 -17.74
C ILE C 88 -12.82 3.66 -18.24
N ALA C 89 -11.73 3.96 -18.95
CA ALA C 89 -10.78 2.96 -19.43
C ALA C 89 -11.47 1.91 -20.31
N ALA C 90 -12.11 2.39 -21.37
CA ALA C 90 -12.77 1.53 -22.35
C ALA C 90 -11.87 1.39 -23.57
N ALA C 91 -11.65 0.14 -23.99
CA ALA C 91 -10.80 -0.15 -25.14
C ALA C 91 -11.61 -0.95 -26.16
N THR C 92 -11.74 -0.40 -27.36
CA THR C 92 -12.42 -1.06 -28.46
C THR C 92 -11.45 -1.23 -29.61
N GLY C 93 -11.32 -2.45 -30.10
CA GLY C 93 -10.41 -2.74 -31.19
C GLY C 93 -10.73 -1.98 -32.46
N PHE C 94 -11.89 -2.25 -33.05
CA PHE C 94 -12.37 -1.46 -34.17
C PHE C 94 -13.83 -1.79 -34.42
N VAL C 95 -14.57 -0.82 -34.92
CA VAL C 95 -15.99 -0.98 -35.26
C VAL C 95 -16.12 -0.74 -36.76
N LYS C 96 -16.42 -1.81 -37.50
CA LYS C 96 -16.53 -1.69 -38.95
C LYS C 96 -17.84 -1.04 -39.35
N LYS C 97 -18.96 -1.70 -39.06
CA LYS C 97 -20.31 -1.15 -39.25
C LYS C 97 -20.50 -0.51 -40.62
N ASP C 98 -20.21 -1.28 -41.66
CA ASP C 98 -20.43 -0.80 -43.03
C ASP C 98 -21.41 -1.69 -43.79
N LEU D 38 37.37 -14.88 -5.76
CA LEU D 38 36.42 -14.62 -6.84
C LEU D 38 34.99 -14.73 -6.33
N TYR D 39 34.48 -13.62 -5.78
CA TYR D 39 33.12 -13.59 -5.22
C TYR D 39 32.15 -13.12 -6.31
N VAL D 40 32.19 -13.82 -7.44
CA VAL D 40 31.37 -13.44 -8.59
C VAL D 40 29.88 -13.50 -8.26
N GLY D 41 29.51 -14.21 -7.19
CA GLY D 41 28.13 -14.21 -6.76
C GLY D 41 27.64 -12.80 -6.44
N SER D 42 26.81 -12.26 -7.33
CA SER D 42 26.46 -10.84 -7.26
C SER D 42 25.32 -10.56 -6.29
N LYS D 43 24.15 -11.12 -6.57
CA LYS D 43 22.89 -10.63 -6.01
C LYS D 43 22.80 -11.00 -4.53
N THR D 44 23.49 -10.22 -3.72
CA THR D 44 23.50 -10.38 -2.26
C THR D 44 22.53 -9.35 -1.66
N LYS D 45 21.45 -9.85 -1.06
CA LYS D 45 20.48 -9.01 -0.38
C LYS D 45 20.54 -9.33 1.11
N GLU D 46 20.97 -8.35 1.91
CA GLU D 46 21.16 -8.55 3.35
C GLU D 46 20.57 -7.35 4.08
N GLY D 47 19.52 -7.59 4.86
CA GLY D 47 18.84 -6.50 5.54
C GLY D 47 18.04 -5.63 4.58
N VAL D 48 17.14 -6.24 3.83
CA VAL D 48 16.38 -5.55 2.79
C VAL D 48 14.89 -5.71 3.07
N VAL D 49 14.13 -4.65 2.84
CA VAL D 49 12.67 -4.67 2.93
C VAL D 49 12.13 -4.03 1.66
N HIS D 50 11.35 -4.79 0.89
CA HIS D 50 10.83 -4.24 -0.34
C HIS D 50 9.46 -4.84 -0.66
N GLY D 51 8.62 -4.05 -1.30
CA GLY D 51 7.29 -4.49 -1.66
C GLY D 51 6.33 -4.58 -0.48
N VAL D 52 6.09 -3.46 0.18
CA VAL D 52 5.23 -3.41 1.36
C VAL D 52 4.07 -2.47 1.08
N ALA D 53 2.87 -2.86 1.48
CA ALA D 53 1.69 -2.01 1.39
C ALA D 53 0.94 -2.10 2.71
N THR D 54 0.60 -0.93 3.27
CA THR D 54 -0.01 -0.87 4.59
C THR D 54 -1.09 0.20 4.59
N VAL D 55 -2.19 -0.10 5.28
CA VAL D 55 -3.31 0.83 5.45
C VAL D 55 -3.74 0.80 6.91
N ALA D 56 -3.96 1.97 7.48
CA ALA D 56 -4.40 2.09 8.87
C ALA D 56 -5.50 3.13 8.96
N GLU D 57 -6.62 2.75 9.57
CA GLU D 57 -7.78 3.63 9.74
C GLU D 57 -8.20 3.58 11.19
N LYS D 58 -7.87 4.62 11.95
CA LYS D 58 -8.15 4.68 13.38
C LYS D 58 -8.94 5.95 13.68
N THR D 59 -10.18 5.79 14.12
CA THR D 59 -11.02 6.95 14.41
C THR D 59 -10.45 7.77 15.56
N LYS D 60 -9.81 7.13 16.52
CA LYS D 60 -9.21 7.86 17.63
C LYS D 60 -8.06 7.04 18.20
N GLU D 61 -6.86 7.58 18.17
CA GLU D 61 -5.69 6.97 18.77
C GLU D 61 -5.15 7.91 19.84
N GLN D 62 -5.07 7.42 21.08
CA GLN D 62 -4.64 8.23 22.21
C GLN D 62 -3.55 7.49 22.98
N VAL D 63 -2.49 8.21 23.32
CA VAL D 63 -1.37 7.65 24.07
C VAL D 63 -1.08 8.57 25.25
N THR D 64 -1.10 8.02 26.45
CA THR D 64 -0.76 8.76 27.67
C THR D 64 0.44 8.09 28.31
N ASN D 65 1.49 8.87 28.53
CA ASN D 65 2.75 8.36 29.07
C ASN D 65 3.17 9.22 30.24
N VAL D 66 3.42 8.58 31.39
CA VAL D 66 3.88 9.26 32.60
C VAL D 66 5.13 8.53 33.07
N GLY D 67 6.29 8.99 32.65
CA GLY D 67 7.55 8.44 33.12
C GLY D 67 7.89 7.07 32.58
N GLY D 68 7.58 6.81 31.31
CA GLY D 68 7.89 5.53 30.71
C GLY D 68 8.35 5.64 29.27
N ALA D 69 8.12 4.60 28.47
CA ALA D 69 8.53 4.58 27.08
C ALA D 69 7.45 3.90 26.26
N VAL D 70 7.00 4.57 25.20
CA VAL D 70 6.00 4.04 24.29
C VAL D 70 6.56 4.11 22.87
N VAL D 71 6.48 2.99 22.15
CA VAL D 71 6.91 2.91 20.76
C VAL D 71 5.75 2.38 19.94
N THR D 72 5.25 3.19 19.02
CA THR D 72 4.06 2.87 18.24
C THR D 72 4.34 3.07 16.76
N GLY D 73 3.86 2.13 15.95
CA GLY D 73 3.86 2.27 14.51
C GLY D 73 5.24 2.34 13.87
N VAL D 74 5.97 1.23 13.90
CA VAL D 74 7.25 1.10 13.22
C VAL D 74 7.05 0.16 12.05
N THR D 75 7.23 0.67 10.82
CA THR D 75 6.93 -0.09 9.62
C THR D 75 8.05 0.05 8.60
N ALA D 76 8.40 -1.07 7.96
CA ALA D 76 9.33 -1.10 6.84
C ALA D 76 10.70 -0.52 7.24
N VAL D 77 11.34 -1.17 8.20
CA VAL D 77 12.64 -0.76 8.69
C VAL D 77 13.64 -1.87 8.38
N ALA D 78 14.70 -1.52 7.66
CA ALA D 78 15.79 -2.44 7.36
C ALA D 78 17.07 -1.94 8.01
N GLN D 79 17.89 -2.89 8.47
CA GLN D 79 19.12 -2.55 9.15
C GLN D 79 20.18 -3.59 8.84
N LYS D 80 21.41 -3.14 8.68
CA LYS D 80 22.54 -4.03 8.44
C LYS D 80 23.74 -3.47 9.20
N THR D 81 24.15 -4.17 10.24
CA THR D 81 25.22 -3.72 11.13
C THR D 81 26.38 -4.71 11.05
N VAL D 82 27.57 -4.20 10.75
CA VAL D 82 28.78 -5.00 10.65
C VAL D 82 29.63 -4.70 11.89
N GLU D 83 29.88 -5.74 12.69
CA GLU D 83 30.71 -5.64 13.89
C GLU D 83 30.15 -4.61 14.88
N GLY D 84 28.87 -4.78 15.20
CA GLY D 84 28.22 -3.91 16.18
C GLY D 84 26.84 -4.44 16.48
N ALA D 85 26.24 -3.87 17.52
CA ALA D 85 24.90 -4.26 17.91
C ALA D 85 23.87 -3.58 17.01
N GLY D 86 22.64 -4.07 17.08
CA GLY D 86 21.55 -3.47 16.34
C GLY D 86 20.23 -3.57 17.08
N SER D 87 19.58 -2.43 17.30
CA SER D 87 18.33 -2.37 18.05
C SER D 87 17.29 -1.62 17.25
N ILE D 88 16.09 -2.18 17.18
CA ILE D 88 14.97 -1.57 16.46
C ILE D 88 13.75 -1.60 17.38
N ALA D 89 13.16 -0.44 17.62
CA ALA D 89 11.94 -0.30 18.41
C ALA D 89 12.10 -0.89 19.81
N ALA D 90 13.09 -0.38 20.54
CA ALA D 90 13.34 -0.79 21.91
C ALA D 90 12.77 0.25 22.86
N ALA D 91 11.99 -0.20 23.84
CA ALA D 91 11.37 0.68 24.81
C ALA D 91 11.79 0.26 26.21
N THR D 92 12.43 1.18 26.94
CA THR D 92 12.85 0.96 28.32
C THR D 92 12.18 2.00 29.20
N GLY D 93 11.50 1.53 30.24
CA GLY D 93 10.81 2.42 31.15
C GLY D 93 11.73 3.40 31.85
N PHE D 94 12.65 2.90 32.66
CA PHE D 94 13.69 3.73 33.24
C PHE D 94 14.75 2.84 33.86
N VAL D 95 15.99 3.33 33.87
CA VAL D 95 17.12 2.63 34.46
C VAL D 95 17.65 3.50 35.60
N LYS D 96 17.46 3.03 36.83
CA LYS D 96 17.89 3.82 37.99
C LYS D 96 19.40 3.72 38.18
N LYS D 97 19.89 2.52 38.49
CA LYS D 97 21.33 2.23 38.55
C LYS D 97 22.10 3.26 39.37
N ASP D 98 21.64 3.47 40.61
CA ASP D 98 22.35 4.38 41.51
C ASP D 98 22.81 3.66 42.77
N LEU E 38 35.79 -19.35 -4.81
CA LEU E 38 34.84 -19.09 -5.88
C LEU E 38 33.40 -19.19 -5.35
N TYR E 39 32.91 -18.08 -4.80
CA TYR E 39 31.56 -18.05 -4.23
C TYR E 39 30.58 -17.57 -5.30
N VAL E 40 30.60 -18.26 -6.44
CA VAL E 40 29.77 -17.88 -7.57
C VAL E 40 28.28 -17.94 -7.22
N GLY E 41 27.91 -18.65 -6.16
CA GLY E 41 26.54 -18.64 -5.70
C GLY E 41 26.06 -17.23 -5.38
N SER E 42 25.22 -16.68 -6.25
CA SER E 42 24.88 -15.27 -6.18
C SER E 42 23.75 -14.98 -5.19
N LYS E 43 22.57 -15.55 -5.46
CA LYS E 43 21.33 -15.05 -4.89
C LYS E 43 21.25 -15.43 -3.42
N THR E 44 21.94 -14.64 -2.60
CA THR E 44 21.98 -14.81 -1.15
C THR E 44 21.03 -13.79 -0.53
N LYS E 45 19.95 -14.28 0.08
CA LYS E 45 18.98 -13.44 0.78
C LYS E 45 19.06 -13.76 2.27
N GLU E 46 19.50 -12.79 3.06
CA GLU E 46 19.70 -13.00 4.50
C GLU E 46 19.13 -11.80 5.24
N GLY E 47 18.08 -12.03 6.03
CA GLY E 47 17.42 -10.96 6.72
C GLY E 47 16.62 -10.08 5.77
N VAL E 48 15.70 -10.67 5.02
CA VAL E 48 14.93 -9.98 4.00
C VAL E 48 13.45 -10.15 4.30
N VAL E 49 12.69 -9.07 4.08
CA VAL E 49 11.24 -9.09 4.19
C VAL E 49 10.67 -8.45 2.93
N HIS E 50 9.88 -9.20 2.17
CA HIS E 50 9.34 -8.64 0.94
C HIS E 50 7.98 -9.24 0.63
N GLY E 51 7.13 -8.43 0.01
CA GLY E 51 5.79 -8.88 -0.35
C GLY E 51 4.85 -8.98 0.84
N VAL E 52 4.62 -7.85 1.52
CA VAL E 52 3.77 -7.80 2.70
C VAL E 52 2.62 -6.84 2.44
N ALA E 53 1.42 -7.25 2.85
CA ALA E 53 0.23 -6.39 2.77
C ALA E 53 -0.49 -6.48 4.11
N THR E 54 -0.82 -5.32 4.68
CA THR E 54 -1.42 -5.25 6.00
C THR E 54 -2.50 -4.18 6.02
N VAL E 55 -3.60 -4.48 6.72
CA VAL E 55 -4.70 -3.55 6.91
C VAL E 55 -5.12 -3.58 8.38
N ALA E 56 -5.33 -2.41 8.95
CA ALA E 56 -5.75 -2.30 10.34
C ALA E 56 -6.85 -1.26 10.45
N GLU E 57 -7.97 -1.63 11.07
CA GLU E 57 -9.12 -0.75 11.25
C GLU E 57 -9.53 -0.81 12.72
N LYS E 58 -9.18 0.23 13.48
CA LYS E 58 -9.44 0.29 14.91
C LYS E 58 -10.23 1.56 15.21
N THR E 59 -11.47 1.39 15.66
CA THR E 59 -12.29 2.56 15.97
C THR E 59 -11.71 3.38 17.12
N LYS E 60 -11.06 2.72 18.07
CA LYS E 60 -10.45 3.45 19.19
C LYS E 60 -9.30 2.63 19.73
N GLU E 61 -8.09 3.17 19.69
CA GLU E 61 -6.91 2.55 20.27
C GLU E 61 -6.36 3.49 21.34
N GLN E 62 -6.28 2.99 22.57
CA GLN E 62 -5.83 3.80 23.70
C GLN E 62 -4.73 3.05 24.45
N VAL E 63 -3.66 3.76 24.79
CA VAL E 63 -2.54 3.20 25.53
C VAL E 63 -2.24 4.11 26.70
N THR E 64 -2.24 3.56 27.91
CA THR E 64 -1.89 4.29 29.12
C THR E 64 -0.68 3.62 29.75
N ASN E 65 0.38 4.39 29.95
CA ASN E 65 1.64 3.87 30.48
C ASN E 65 2.08 4.73 31.66
N VAL E 66 2.34 4.08 32.79
CA VAL E 66 2.81 4.76 34.00
C VAL E 66 4.06 4.02 34.46
N GLY E 67 5.22 4.49 34.01
CA GLY E 67 6.48 3.93 34.47
C GLY E 67 6.81 2.56 33.92
N GLY E 68 6.49 2.31 32.66
CA GLY E 68 6.79 1.02 32.05
C GLY E 68 7.23 1.14 30.61
N ALA E 69 7.00 0.09 29.82
CA ALA E 69 7.38 0.10 28.42
C ALA E 69 6.29 -0.59 27.60
N VAL E 70 5.85 0.09 26.55
CA VAL E 70 4.82 -0.44 25.65
C VAL E 70 5.36 -0.37 24.23
N VAL E 71 5.29 -1.48 23.51
CA VAL E 71 5.69 -1.55 22.11
C VAL E 71 4.52 -2.08 21.31
N THR E 72 4.01 -1.25 20.38
CA THR E 72 2.81 -1.57 19.62
C THR E 72 3.07 -1.38 18.14
N GLY E 73 2.57 -2.31 17.33
CA GLY E 73 2.58 -2.16 15.90
C GLY E 73 3.94 -2.10 15.24
N VAL E 74 4.67 -3.21 15.26
CA VAL E 74 5.95 -3.33 14.55
C VAL E 74 5.72 -4.28 13.38
N THR E 75 5.89 -3.77 12.17
CA THR E 75 5.57 -4.51 10.96
C THR E 75 6.69 -4.38 9.93
N ALA E 76 7.02 -5.49 9.29
CA ALA E 76 7.95 -5.53 8.16
C ALA E 76 9.31 -4.96 8.53
N VAL E 77 9.96 -5.62 9.48
CA VAL E 77 11.28 -5.20 9.96
C VAL E 77 12.28 -6.31 9.64
N ALA E 78 13.32 -5.97 8.91
CA ALA E 78 14.40 -6.88 8.60
C ALA E 78 15.69 -6.40 9.23
N GLN E 79 16.52 -7.35 9.67
CA GLN E 79 17.75 -7.02 10.35
C GLN E 79 18.80 -8.06 10.02
N LYS E 80 20.04 -7.61 9.85
CA LYS E 80 21.17 -8.50 9.58
C LYS E 80 22.37 -7.95 10.34
N THR E 81 22.79 -8.66 11.37
CA THR E 81 23.87 -8.22 12.25
C THR E 81 25.02 -9.20 12.15
N VAL E 82 26.21 -8.70 11.84
CA VAL E 82 27.42 -9.50 11.73
C VAL E 82 28.28 -9.21 12.95
N GLU E 83 28.54 -10.25 13.75
CA GLU E 83 29.39 -10.15 14.94
C GLU E 83 28.84 -9.13 15.93
N GLY E 84 27.56 -9.28 16.28
CA GLY E 84 26.93 -8.43 17.25
C GLY E 84 25.55 -8.95 17.58
N ALA E 85 24.97 -8.39 18.63
CA ALA E 85 23.62 -8.77 19.03
C ALA E 85 22.59 -8.09 18.14
N GLY E 86 21.36 -8.57 18.23
CA GLY E 86 20.25 -7.97 17.50
C GLY E 86 18.95 -8.06 18.26
N SER E 87 18.31 -6.92 18.49
CA SER E 87 17.07 -6.86 19.25
C SER E 87 16.01 -6.10 18.47
N ILE E 88 14.81 -6.66 18.41
CA ILE E 88 13.68 -6.05 17.71
C ILE E 88 12.48 -6.09 18.64
N ALA E 89 11.89 -4.91 18.90
CA ALA E 89 10.67 -4.77 19.69
C ALA E 89 10.85 -5.37 21.09
N ALA E 90 11.86 -4.87 21.81
CA ALA E 90 12.13 -5.28 23.18
C ALA E 90 11.57 -4.24 24.14
N ALA E 91 10.81 -4.69 25.12
CA ALA E 91 10.19 -3.81 26.11
C ALA E 91 10.63 -4.24 27.49
N THR E 92 11.28 -3.32 28.22
CA THR E 92 11.71 -3.55 29.59
C THR E 92 11.05 -2.52 30.48
N GLY E 93 10.38 -2.99 31.53
CA GLY E 93 9.70 -2.10 32.46
C GLY E 93 10.64 -1.12 33.13
N PHE E 94 11.56 -1.63 33.95
CA PHE E 94 12.62 -0.80 34.52
C PHE E 94 13.68 -1.70 35.12
N VAL E 95 14.91 -1.20 35.12
CA VAL E 95 16.05 -1.92 35.69
C VAL E 95 16.59 -1.06 36.83
N LYS E 96 16.42 -1.52 38.07
CA LYS E 96 16.86 -0.75 39.21
C LYS E 96 18.37 -0.85 39.39
N LYS E 97 18.87 -2.05 39.68
CA LYS E 97 20.30 -2.35 39.73
C LYS E 97 21.08 -1.32 40.55
N ASP E 98 20.65 -1.12 41.79
CA ASP E 98 21.36 -0.20 42.69
C ASP E 98 21.84 -0.93 43.94
N LEU F 38 38.93 -10.42 -6.70
CA LEU F 38 38.00 -10.17 -7.80
C LEU F 38 36.56 -10.28 -7.31
N TYR F 39 36.04 -9.17 -6.77
CA TYR F 39 34.67 -9.13 -6.22
C TYR F 39 33.72 -8.66 -7.32
N VAL F 40 33.77 -9.37 -8.45
CA VAL F 40 32.96 -9.01 -9.61
C VAL F 40 31.47 -9.06 -9.30
N GLY F 41 31.08 -9.77 -8.24
CA GLY F 41 29.69 -9.77 -7.81
C GLY F 41 29.20 -8.37 -7.50
N SER F 42 28.38 -7.83 -8.39
CA SER F 42 28.03 -6.41 -8.34
C SER F 42 26.88 -6.13 -7.39
N LYS F 43 25.70 -6.70 -7.68
CA LYS F 43 24.44 -6.21 -7.14
C LYS F 43 24.33 -6.57 -5.66
N THR F 44 25.01 -5.78 -4.84
CA THR F 44 25.01 -5.94 -3.39
C THR F 44 24.04 -4.93 -2.79
N LYS F 45 22.95 -5.41 -2.21
CA LYS F 45 21.97 -4.58 -1.53
C LYS F 45 22.00 -4.88 -0.05
N GLU F 46 22.43 -3.92 0.76
CA GLU F 46 22.60 -4.11 2.19
C GLU F 46 22.00 -2.90 2.91
N GLY F 47 20.94 -3.14 3.68
CA GLY F 47 20.24 -2.06 4.35
C GLY F 47 19.47 -1.19 3.38
N VAL F 48 18.57 -1.80 2.61
CA VAL F 48 17.82 -1.12 1.57
C VAL F 48 16.34 -1.29 1.84
N VAL F 49 15.57 -0.23 1.60
CA VAL F 49 14.11 -0.25 1.68
C VAL F 49 13.58 0.38 0.39
N HIS F 50 12.81 -0.38 -0.38
CA HIS F 50 12.29 0.16 -1.62
C HIS F 50 10.94 -0.45 -1.96
N GLY F 51 10.10 0.35 -2.61
CA GLY F 51 8.76 -0.10 -2.98
C GLY F 51 7.81 -0.20 -1.81
N VAL F 52 7.55 0.92 -1.16
CA VAL F 52 6.68 0.97 0.00
C VAL F 52 5.52 1.93 -0.28
N ALA F 53 4.32 1.52 0.10
CA ALA F 53 3.14 2.36 -0.01
C ALA F 53 2.37 2.28 1.30
N THR F 54 2.03 3.44 1.87
CA THR F 54 1.40 3.52 3.17
C THR F 54 0.31 4.58 3.16
N VAL F 55 -0.80 4.28 3.84
CA VAL F 55 -1.91 5.20 4.00
C VAL F 55 -2.36 5.18 5.44
N ALA F 56 -2.60 6.35 6.01
CA ALA F 56 -3.05 6.48 7.39
C ALA F 56 -4.15 7.51 7.47
N GLU F 57 -5.28 7.12 8.08
CA GLU F 57 -6.44 8.01 8.22
C GLU F 57 -6.89 7.95 9.68
N LYS F 58 -6.56 9.00 10.43
CA LYS F 58 -6.86 9.07 11.85
C LYS F 58 -7.65 10.34 12.14
N THR F 59 -8.91 10.17 12.57
CA THR F 59 -9.75 11.33 12.84
C THR F 59 -9.20 12.16 13.99
N LYS F 60 -8.57 11.51 14.97
CA LYS F 60 -7.98 12.25 16.09
C LYS F 60 -6.84 11.44 16.67
N GLU F 61 -5.63 11.99 16.64
CA GLU F 61 -4.46 11.39 17.26
C GLU F 61 -3.94 12.34 18.33
N GLN F 62 -3.88 11.85 19.57
CA GLN F 62 -3.45 12.67 20.71
C GLN F 62 -2.38 11.93 21.49
N VAL F 63 -1.31 12.65 21.83
CA VAL F 63 -0.20 12.10 22.60
C VAL F 63 0.06 13.02 23.78
N THR F 64 0.03 12.47 24.99
CA THR F 64 0.35 13.22 26.21
C THR F 64 1.55 12.56 26.87
N ASN F 65 2.60 13.34 27.09
CA ASN F 65 3.85 12.84 27.64
C ASN F 65 4.26 13.70 28.83
N VAL F 66 4.50 13.07 29.98
CA VAL F 66 4.94 13.76 31.19
C VAL F 66 6.18 13.02 31.67
N GLY F 67 7.35 13.50 31.26
CA GLY F 67 8.60 12.95 31.75
C GLY F 67 8.96 11.58 31.21
N GLY F 68 8.67 11.31 29.95
CA GLY F 68 8.98 10.03 29.35
C GLY F 68 9.45 10.14 27.92
N ALA F 69 9.25 9.09 27.13
CA ALA F 69 9.67 9.07 25.74
C ALA F 69 8.60 8.38 24.90
N VAL F 70 8.16 9.05 23.84
CA VAL F 70 7.18 8.50 22.92
C VAL F 70 7.74 8.58 21.50
N VAL F 71 7.68 7.45 20.79
CA VAL F 71 8.13 7.37 19.41
C VAL F 71 6.97 6.84 18.58
N THR F 72 6.48 7.64 17.64
CA THR F 72 5.30 7.32 16.86
C THR F 72 5.60 7.50 15.38
N GLY F 73 5.11 6.56 14.57
CA GLY F 73 5.16 6.71 13.13
C GLY F 73 6.53 6.77 12.50
N VAL F 74 7.27 5.67 12.55
CA VAL F 74 8.56 5.54 11.87
C VAL F 74 8.36 4.59 10.70
N THR F 75 8.56 5.09 9.48
CA THR F 75 8.27 4.34 8.28
C THR F 75 9.41 4.47 7.28
N ALA F 76 9.77 3.35 6.65
CA ALA F 76 10.72 3.32 5.54
C ALA F 76 12.07 3.90 5.94
N VAL F 77 12.71 3.26 6.91
CA VAL F 77 14.00 3.67 7.42
C VAL F 77 15.01 2.57 7.13
N ALA F 78 16.07 2.92 6.41
CA ALA F 78 17.17 2.01 6.12
C ALA F 78 18.44 2.50 6.79
N GLN F 79 19.26 1.56 7.25
CA GLN F 79 20.48 1.91 7.96
C GLN F 79 21.55 0.87 7.66
N LYS F 80 22.78 1.33 7.51
CA LYS F 80 23.92 0.45 7.29
C LYS F 80 25.10 1.01 8.06
N THR F 81 25.50 0.30 9.11
CA THR F 81 26.56 0.76 10.00
C THR F 81 27.72 -0.22 9.94
N VAL F 82 28.92 0.30 9.65
CA VAL F 82 30.14 -0.50 9.58
C VAL F 82 30.97 -0.20 10.81
N GLU F 83 31.20 -1.23 11.63
CA GLU F 83 32.03 -1.12 12.83
C GLU F 83 31.45 -0.10 13.81
N GLY F 84 30.18 -0.26 14.12
CA GLY F 84 29.51 0.61 15.08
C GLY F 84 28.13 0.07 15.38
N ALA F 85 27.52 0.64 16.40
CA ALA F 85 26.16 0.25 16.78
C ALA F 85 25.14 0.92 15.87
N GLY F 86 23.92 0.43 15.93
CA GLY F 86 22.83 1.02 15.17
C GLY F 86 21.51 0.93 15.90
N SER F 87 20.85 2.06 16.10
CA SER F 87 19.60 2.12 16.84
C SER F 87 18.56 2.86 16.02
N ILE F 88 17.35 2.30 15.94
CA ILE F 88 16.24 2.90 15.22
C ILE F 88 15.02 2.87 16.11
N ALA F 89 14.42 4.04 16.36
CA ALA F 89 13.18 4.17 17.12
C ALA F 89 13.34 3.58 18.53
N ALA F 90 14.31 4.10 19.26
CA ALA F 90 14.56 3.70 20.65
C ALA F 90 13.97 4.74 21.58
N ALA F 91 13.19 4.29 22.55
CA ALA F 91 12.54 5.17 23.52
C ALA F 91 12.97 4.76 24.92
N THR F 92 13.58 5.68 25.65
CA THR F 92 13.99 5.47 27.03
C THR F 92 13.31 6.51 27.91
N GLY F 93 12.61 6.04 28.94
CA GLY F 93 11.91 6.92 29.84
C GLY F 93 12.83 7.91 30.54
N PHE F 94 13.73 7.42 31.37
CA PHE F 94 14.76 8.26 31.96
C PHE F 94 15.82 7.38 32.60
N VAL F 95 17.05 7.87 32.62
CA VAL F 95 18.18 7.18 33.22
C VAL F 95 18.69 8.04 34.36
N LYS F 96 18.49 7.58 35.59
CA LYS F 96 18.91 8.37 36.75
C LYS F 96 20.41 8.28 36.97
N LYS F 97 20.91 7.09 37.27
CA LYS F 97 22.34 6.79 37.36
C LYS F 97 23.10 7.84 38.19
N ASP F 98 22.64 8.05 39.42
CA ASP F 98 23.33 8.96 40.32
C ASP F 98 23.78 8.26 41.59
C01 A1EFK G . -38.52 8.06 -3.22
N02 A1EFK G . -37.56 7.56 -4.23
C03 A1EFK G . -36.34 8.13 -4.40
S04 A1EFK G . -35.58 7.26 -5.65
C05 A1EFK G . -36.92 6.13 -5.93
C06 A1EFK G . -37.17 5.01 -6.83
C07 A1EFK G . -38.35 4.34 -6.76
C08 A1EFK G . -39.36 4.73 -5.81
C09 A1EFK G . -39.12 5.81 -4.95
C10 A1EFK G . -37.87 6.51 -5.03
C11 A1EFK G . -35.77 9.34 -3.61
C12 A1EFK G . -34.52 9.82 -3.91
C13 A1EFK G . -33.99 11.01 -3.17
C14 A1EFK G . -32.76 11.48 -3.44
C15 A1EFK G . -31.96 10.87 -4.52
C16 A1EFK G . -30.55 11.42 -4.82
N17 A1EFK G . -30.07 12.59 -4.03
C18 A1EFK G . -28.65 13.05 -4.31
C19 A1EFK G . -28.00 13.42 -3.01
O20 A1EFK G . -27.50 12.23 -2.40
C21 A1EFK G . -30.92 13.25 -3.00
C22 A1EFK G . -32.21 12.70 -2.67
C23 A1EFK G . -32.95 13.27 -1.68
C24 A1EFK G . -32.43 14.43 -0.95
C25 A1EFK G . -31.16 14.94 -1.25
C26 A1EFK G . -30.41 14.36 -2.27
C01 A1EFK H . -16.57 1.93 -26.64
N02 A1EFK H . -17.71 1.94 -27.59
C03 A1EFK H . -18.97 1.64 -27.19
S04 A1EFK H . -19.97 1.72 -28.56
C05 A1EFK H . -18.64 2.14 -29.68
C06 A1EFK H . -18.54 2.42 -31.12
C07 A1EFK H . -17.33 2.73 -31.67
C08 A1EFK H . -16.16 2.78 -30.83
C09 A1EFK H . -16.25 2.51 -29.47
C10 A1EFK H . -17.53 2.19 -28.90
C11 A1EFK H . -19.42 1.30 -25.74
C12 A1EFK H . -20.74 1.02 -25.47
C13 A1EFK H . -21.16 0.66 -24.08
C14 A1EFK H . -22.45 0.39 -23.80
C15 A1EFK H . -23.45 0.39 -24.90
C16 A1EFK H . -24.91 0.09 -24.58
N17 A1EFK H . -25.28 -0.23 -23.17
C18 A1EFK H . -26.75 -0.44 -22.88
C19 A1EFK H . -27.11 0.31 -21.64
O20 A1EFK H . -27.70 1.55 -22.03
C21 A1EFK H . -24.25 -0.32 -22.10
C22 A1EFK H . -22.88 0.03 -22.38
C23 A1EFK H . -21.96 0.03 -21.37
C24 A1EFK H . -22.37 -0.32 -20.00
C25 A1EFK H . -23.71 -0.62 -19.72
C26 A1EFK H . -24.65 -0.62 -20.76
C01 A1EFK I . -4.27 -8.82 -39.02
N02 A1EFK I . -5.63 -8.28 -38.93
C03 A1EFK I . -6.69 -8.96 -39.44
S04 A1EFK I . -8.07 -7.99 -39.16
C05 A1EFK I . -7.19 -6.68 -38.35
C06 A1EFK I . -7.55 -5.40 -37.72
C07 A1EFK I . -6.58 -4.62 -37.17
C08 A1EFK I . -5.22 -5.06 -37.19
C09 A1EFK I . -4.87 -6.27 -37.76
C10 A1EFK I . -5.88 -7.10 -38.35
C11 A1EFK I . -6.65 -10.33 -40.16
C12 A1EFK I . -7.81 -10.89 -40.65
C13 A1EFK I . -7.77 -12.20 -41.37
C14 A1EFK I . -8.89 -12.76 -41.83
C15 A1EFK I . -10.18 -12.05 -41.70
C16 A1EFK I . -11.47 -12.70 -42.24
N17 A1EFK I . -11.35 -14.01 -42.94
C18 A1EFK I . -12.65 -14.63 -43.44
C19 A1EFK I . -13.82 -13.78 -43.16
O20 A1EFK I . -13.74 -12.95 -42.06
C21 A1EFK I . -10.04 -14.68 -43.13
C22 A1EFK I . -8.84 -14.12 -42.57
C23 A1EFK I . -7.66 -14.77 -42.69
C24 A1EFK I . -7.60 -16.06 -43.40
C25 A1EFK I . -8.78 -16.63 -43.90
C26 A1EFK I . -9.99 -15.95 -43.77
C01 A1EFK J . 35.69 -16.37 5.74
N02 A1EFK J . 34.82 -15.64 6.68
C03 A1EFK J . 34.15 -14.51 6.30
S04 A1EFK J . 33.29 -13.98 7.67
C05 A1EFK J . 33.82 -15.30 8.73
C06 A1EFK J . 33.58 -15.68 10.12
C07 A1EFK J . 34.17 -16.80 10.63
C08 A1EFK J . 35.03 -17.60 9.80
C09 A1EFK J . 35.26 -17.23 8.48
C10 A1EFK J . 34.64 -16.05 7.95
C11 A1EFK J . 34.21 -13.83 4.91
C12 A1EFK J . 33.50 -12.67 4.68
C13 A1EFK J . 33.57 -12.00 3.34
C14 A1EFK J . 32.89 -10.89 3.11
C15 A1EFK J . 32.09 -10.26 4.18
C16 A1EFK J . 31.29 -8.98 3.90
N17 A1EFK J . 31.39 -8.37 2.54
C18 A1EFK J . 30.52 -7.15 2.27
C19 A1EFK J . 29.97 -7.26 0.90
O20 A1EFK J . 28.79 -8.07 0.93
C21 A1EFK J . 32.27 -8.96 1.48
C22 A1EFK J . 32.96 -10.20 1.72
C23 A1EFK J . 33.68 -10.77 0.72
C24 A1EFK J . 33.76 -10.12 -0.60
C25 A1EFK J . 33.05 -8.94 -0.83
C26 A1EFK J . 32.30 -8.35 0.19
C01 A1EFK K . 18.66 4.16 24.63
N02 A1EFK K . 19.76 4.04 25.60
C03 A1EFK K . 20.57 2.94 25.64
S04 A1EFK K . 21.67 3.18 26.91
C05 A1EFK K . 21.02 4.78 27.38
C06 A1EFK K . 21.35 5.77 28.41
C07 A1EFK K . 20.63 6.92 28.49
C08 A1EFK K . 19.54 7.16 27.57
C09 A1EFK K . 19.23 6.21 26.60
C10 A1EFK K . 20.00 5.00 26.52
C11 A1EFK K . 20.47 1.71 24.70
C12 A1EFK K . 21.36 0.66 24.85
C13 A1EFK K . 21.25 -0.54 23.97
C14 A1EFK K . 22.11 -1.56 24.11
C15 A1EFK K . 23.12 -1.54 25.19
C16 A1EFK K . 24.10 -2.70 25.33
N17 A1EFK K . 23.96 -3.86 24.40
C18 A1EFK K . 25.01 -4.96 24.53
C19 A1EFK K . 25.49 -5.33 23.17
O20 A1EFK K . 26.71 -4.64 22.93
C21 A1EFK K . 22.88 -3.93 23.38
C22 A1EFK K . 22.01 -2.80 23.19
C23 A1EFK K . 21.07 -2.83 22.20
C24 A1EFK K . 20.97 -4.00 21.33
C25 A1EFK K . 21.84 -5.08 21.49
C26 A1EFK K . 22.81 -5.05 22.51
C01 A1EFK L . 4.98 10.54 38.49
N02 A1EFK L . 6.39 10.09 38.37
C03 A1EFK L . 6.98 9.34 39.34
S04 A1EFK L . 8.58 9.06 38.82
C05 A1EFK L . 8.43 9.96 37.30
C06 A1EFK L . 9.30 10.26 36.17
C07 A1EFK L . 8.83 11.00 35.12
C08 A1EFK L . 7.48 11.48 35.13
C09 A1EFK L . 6.65 11.18 36.20
C10 A1EFK L . 7.13 10.41 37.30
C11 A1EFK L . 6.33 8.87 40.66
C12 A1EFK L . 7.07 8.12 41.57
C13 A1EFK L . 6.44 7.68 42.85
C14 A1EFK L . 7.14 6.95 43.72
C15 A1EFK L . 8.56 6.64 43.46
C16 A1EFK L . 9.35 5.79 44.48
N17 A1EFK L . 8.67 5.38 45.73
C18 A1EFK L . 9.48 4.53 46.69
C19 A1EFK L . 10.86 4.30 46.21
O20 A1EFK L . 11.04 4.29 44.85
C21 A1EFK L . 7.26 5.76 46.04
C22 A1EFK L . 6.49 6.50 45.05
C23 A1EFK L . 5.18 6.79 45.31
C24 A1EFK L . 4.57 6.36 46.57
C25 A1EFK L . 5.31 5.62 47.50
C26 A1EFK L . 6.65 5.32 47.24
#